data_2YAD
#
_entry.id   2YAD
#
_cell.length_a   132.046
_cell.length_b   39.329
_cell.length_c   114.756
_cell.angle_alpha   90.00
_cell.angle_beta   99.63
_cell.angle_gamma   90.00
#
_symmetry.space_group_name_H-M   'C 1 2 1'
#
loop_
_entity.id
_entity.type
_entity.pdbx_description
1 polymer 'SURFACTANT PROTEIN C BRICHOS DOMAIN'
2 water water
#
_entity_poly.entity_id   1
_entity_poly.type   'polypeptide(L)'
_entity_poly.pdbx_seq_one_letter_code
;GSG(MSE)KETAAAKFERQH(MSE)DSPDLGTDDDDKA(MSE)AH(MSE)SQKHTE(MSE)VLE(MSE)SIGAPEAQQRL
ALSEHLVTTATFSIGSTGLVVYDYQQLLIAYKPAPGTCCYI(MSE)KIAPESIPSLEALTRKVHNFQ(MSE)ECSLQAKP
AVPTSKLGQAEGRDAGSAPSGGDPAFLG(MSE)AVSTLCGEVPLYYI
;
_entity_poly.pdbx_strand_id   A,B,C,D,E,F
#
# COMPACT_ATOMS: atom_id res chain seq x y z
N THR A 64 1.45 11.05 -21.40
CA THR A 64 1.96 11.68 -20.18
C THR A 64 0.77 12.00 -19.22
N THR A 65 1.07 12.37 -17.95
CA THR A 65 0.02 12.68 -16.96
C THR A 65 0.26 14.02 -16.26
N ALA A 66 -0.79 14.52 -15.59
CA ALA A 66 -0.79 15.76 -14.79
C ALA A 66 -1.80 15.62 -13.67
N THR A 67 -1.46 16.18 -12.52
CA THR A 67 -2.27 16.14 -11.31
C THR A 67 -2.63 17.57 -10.91
N PHE A 68 -3.85 17.81 -10.41
CA PHE A 68 -4.28 19.12 -9.94
C PHE A 68 -5.11 18.96 -8.70
N SER A 69 -5.27 20.04 -7.96
CA SER A 69 -6.13 20.12 -6.79
C SER A 69 -7.44 20.78 -7.20
N ILE A 70 -8.56 20.35 -6.57
CA ILE A 70 -9.90 20.93 -6.73
C ILE A 70 -10.42 21.15 -5.31
N GLY A 71 -10.75 22.39 -4.96
CA GLY A 71 -11.20 22.74 -3.62
C GLY A 71 -10.18 22.45 -2.54
N SER A 72 -10.66 22.30 -1.30
CA SER A 72 -9.82 22.06 -0.14
C SER A 72 -9.19 20.66 -0.09
N THR A 73 -9.89 19.59 -0.52
CA THR A 73 -9.36 18.21 -0.41
C THR A 73 -9.35 17.40 -1.71
N GLY A 74 -9.98 17.91 -2.75
CA GLY A 74 -10.11 17.24 -4.04
C GLY A 74 -8.84 17.15 -4.84
N LEU A 75 -8.64 16.02 -5.52
CA LEU A 75 -7.48 15.77 -6.37
C LEU A 75 -7.91 15.12 -7.66
N VAL A 76 -7.25 15.50 -8.76
N VAL A 76 -7.30 15.54 -8.79
CA VAL A 76 -7.53 14.99 -10.10
CA VAL A 76 -7.56 15.03 -10.14
C VAL A 76 -6.25 14.54 -10.77
C VAL A 76 -6.27 14.59 -10.83
N VAL A 77 -6.34 13.48 -11.57
CA VAL A 77 -5.25 12.97 -12.38
C VAL A 77 -5.77 12.99 -13.81
N TYR A 78 -5.09 13.72 -14.68
CA TYR A 78 -5.36 13.74 -16.11
C TYR A 78 -4.38 12.76 -16.74
N ASP A 79 -4.88 11.68 -17.35
CA ASP A 79 -4.00 10.69 -17.98
C ASP A 79 -4.20 10.77 -19.48
N TYR A 80 -3.38 11.59 -20.14
CA TYR A 80 -3.44 11.86 -21.57
C TYR A 80 -3.06 10.64 -22.42
N GLN A 81 -2.28 9.69 -21.88
CA GLN A 81 -1.89 8.47 -22.61
C GLN A 81 -3.06 7.46 -22.67
N GLN A 82 -3.76 7.24 -21.54
CA GLN A 82 -4.87 6.29 -21.44
C GLN A 82 -6.23 6.97 -21.71
N LEU A 83 -6.22 8.29 -22.01
CA LEU A 83 -7.37 9.15 -22.32
C LEU A 83 -8.49 8.98 -21.25
N LEU A 84 -8.10 9.17 -19.98
CA LEU A 84 -9.05 9.10 -18.87
C LEU A 84 -8.72 10.17 -17.81
N ILE A 85 -9.72 10.49 -16.98
CA ILE A 85 -9.60 11.44 -15.88
C ILE A 85 -10.02 10.72 -14.59
N ALA A 86 -9.21 10.84 -13.53
CA ALA A 86 -9.52 10.26 -12.23
C ALA A 86 -9.70 11.36 -11.21
N TYR A 87 -10.91 11.51 -10.63
CA TYR A 87 -11.19 12.53 -9.62
C TYR A 87 -11.49 11.90 -8.25
N LYS A 88 -10.75 12.32 -7.22
CA LYS A 88 -10.98 11.86 -5.86
C LYS A 88 -11.39 13.08 -5.00
N PRO A 89 -12.65 13.17 -4.53
CA PRO A 89 -13.07 14.39 -3.81
C PRO A 89 -12.42 14.59 -2.42
N ALA A 90 -12.02 13.49 -1.75
CA ALA A 90 -11.38 13.58 -0.43
C ALA A 90 -10.66 12.28 -0.10
N PRO A 91 -9.66 12.27 0.82
CA PRO A 91 -9.06 10.97 1.22
C PRO A 91 -10.09 9.97 1.74
N GLY A 92 -9.89 8.70 1.38
CA GLY A 92 -10.70 7.56 1.82
C GLY A 92 -12.14 7.58 1.34
N THR A 93 -12.41 8.18 0.16
CA THR A 93 -13.78 8.20 -0.33
C THR A 93 -13.89 7.28 -1.55
N CYS A 94 -13.72 7.81 -2.76
CA CYS A 94 -13.86 7.04 -3.99
C CYS A 94 -13.15 7.76 -5.12
N CYS A 95 -13.02 7.10 -6.29
CA CYS A 95 -12.49 7.72 -7.48
C CYS A 95 -13.52 7.65 -8.60
N TYR A 96 -13.74 8.79 -9.26
CA TYR A 96 -14.56 8.86 -10.45
C TYR A 96 -13.63 8.76 -11.66
N ILE A 97 -13.87 7.78 -12.55
CA ILE A 97 -13.04 7.53 -13.74
C ILE A 97 -13.87 7.91 -14.95
N LYS A 99 -13.91 8.85 -19.25
CA LYS A 99 -13.28 8.69 -20.55
C LYS A 99 -13.27 10.05 -21.24
N ILE A 100 -12.18 10.38 -21.94
CA ILE A 100 -12.11 11.68 -22.63
C ILE A 100 -11.73 11.52 -24.10
N ALA A 101 -12.36 12.35 -24.95
CA ALA A 101 -12.11 12.37 -26.40
C ALA A 101 -10.81 13.14 -26.66
N PRO A 102 -9.90 12.64 -27.53
CA PRO A 102 -8.64 13.36 -27.79
C PRO A 102 -8.82 14.75 -28.41
N GLU A 103 -9.96 15.00 -29.08
CA GLU A 103 -10.25 16.28 -29.73
C GLU A 103 -11.15 17.21 -28.90
N SER A 104 -11.36 16.93 -27.59
CA SER A 104 -12.19 17.75 -26.70
C SER A 104 -11.90 17.45 -25.20
N ILE A 105 -10.62 17.52 -24.80
CA ILE A 105 -10.21 17.28 -23.40
C ILE A 105 -10.72 18.46 -22.53
N PRO A 106 -11.50 18.20 -21.45
CA PRO A 106 -12.01 19.31 -20.65
C PRO A 106 -10.92 20.01 -19.81
N SER A 107 -11.05 21.34 -19.73
CA SER A 107 -10.17 22.19 -18.93
C SER A 107 -10.39 21.91 -17.44
N LEU A 108 -9.46 22.38 -16.58
CA LEU A 108 -9.59 22.24 -15.13
C LEU A 108 -10.84 22.99 -14.65
N GLU A 109 -11.10 24.18 -15.25
CA GLU A 109 -12.29 25.01 -15.01
C GLU A 109 -13.58 24.23 -15.23
N ALA A 110 -13.70 23.55 -16.40
CA ALA A 110 -14.88 22.79 -16.78
C ALA A 110 -15.06 21.56 -15.87
N LEU A 111 -13.98 20.83 -15.54
CA LEU A 111 -14.07 19.68 -14.66
C LEU A 111 -14.50 20.10 -13.22
N THR A 112 -13.97 21.23 -12.71
CA THR A 112 -14.33 21.79 -11.39
C THR A 112 -15.86 22.03 -11.33
N ARG A 113 -16.45 22.59 -12.42
CA ARG A 113 -17.88 22.83 -12.57
C ARG A 113 -18.65 21.51 -12.59
N LYS A 114 -18.17 20.51 -13.37
CA LYS A 114 -18.79 19.17 -13.48
C LYS A 114 -18.90 18.53 -12.06
N VAL A 115 -17.82 18.66 -11.28
CA VAL A 115 -17.64 18.12 -9.93
C VAL A 115 -18.63 18.76 -8.95
N HIS A 116 -18.78 20.08 -9.02
CA HIS A 116 -19.68 20.86 -8.17
C HIS A 116 -21.16 20.68 -8.61
N ASN A 117 -21.46 20.80 -9.92
CA ASN A 117 -22.83 20.72 -10.44
C ASN A 117 -23.46 19.35 -10.28
N PHE A 118 -22.65 18.27 -10.37
CA PHE A 118 -23.17 16.92 -10.23
C PHE A 118 -22.95 16.41 -8.79
N GLN A 119 -22.39 17.27 -7.91
CA GLN A 119 -22.16 16.98 -6.48
C GLN A 119 -21.48 15.60 -6.33
N GLU A 121 -19.50 13.62 -4.67
CA GLU A 121 -18.98 13.50 -3.30
C GLU A 121 -18.93 12.07 -2.77
N CYS A 122 -19.12 11.04 -3.63
CA CYS A 122 -19.12 9.60 -3.30
C CYS A 122 -20.30 9.24 -2.38
N SER A 123 -21.52 9.68 -2.74
CA SER A 123 -22.75 9.41 -1.99
C SER A 123 -23.72 8.56 -2.81
N LEU A 155 -5.21 0.63 -15.18
CA LEU A 155 -4.96 2.04 -14.83
C LEU A 155 -3.46 2.30 -14.64
N GLY A 156 -3.02 3.50 -15.02
CA GLY A 156 -1.62 3.92 -14.89
C GLY A 156 -1.15 4.14 -13.46
N ALA A 158 0.03 6.97 -11.73
CA ALA A 158 -0.53 8.14 -11.06
C ALA A 158 -1.99 7.90 -10.64
N VAL A 159 -2.82 7.26 -11.51
CA VAL A 159 -4.22 6.94 -11.21
C VAL A 159 -4.30 5.88 -10.08
N SER A 160 -3.48 4.82 -10.15
CA SER A 160 -3.44 3.76 -9.12
C SER A 160 -3.01 4.28 -7.75
N THR A 161 -2.08 5.27 -7.72
CA THR A 161 -1.57 5.91 -6.53
C THR A 161 -2.71 6.71 -5.87
N LEU A 162 -3.43 7.50 -6.66
CA LEU A 162 -4.54 8.30 -6.19
C LEU A 162 -5.71 7.45 -5.69
N CYS A 163 -6.06 6.41 -6.43
CA CYS A 163 -7.26 5.61 -6.22
C CYS A 163 -7.05 4.25 -5.55
N GLY A 164 -5.82 3.90 -5.20
CA GLY A 164 -5.62 2.65 -4.49
C GLY A 164 -6.36 2.67 -3.17
N GLU A 165 -7.08 1.58 -2.87
CA GLU A 165 -7.81 1.38 -1.60
C GLU A 165 -9.23 1.92 -1.58
N VAL A 166 -9.68 2.63 -2.62
CA VAL A 166 -11.03 3.17 -2.59
C VAL A 166 -11.84 2.66 -3.79
N PRO A 167 -13.20 2.53 -3.69
CA PRO A 167 -14.00 2.11 -4.85
C PRO A 167 -13.90 3.07 -6.05
N LEU A 168 -13.99 2.49 -7.25
CA LEU A 168 -13.95 3.18 -8.54
C LEU A 168 -15.33 3.19 -9.14
N TYR A 169 -15.79 4.37 -9.59
CA TYR A 169 -17.06 4.55 -10.26
C TYR A 169 -16.78 5.11 -11.66
N TYR A 170 -17.05 4.27 -12.68
CA TYR A 170 -16.87 4.59 -14.10
C TYR A 170 -18.10 5.35 -14.56
N ILE A 171 -17.92 6.64 -14.92
CA ILE A 171 -19.02 7.52 -15.31
C ILE A 171 -18.71 8.23 -16.64
N VAL B 63 10.90 10.42 -18.25
CA VAL B 63 10.82 10.27 -16.79
C VAL B 63 9.36 10.38 -16.36
N THR B 64 8.83 9.32 -15.72
CA THR B 64 7.44 9.26 -15.27
C THR B 64 7.37 9.54 -13.74
N THR B 65 6.75 10.70 -13.40
CA THR B 65 6.54 11.18 -12.02
C THR B 65 5.10 11.65 -11.82
N ALA B 66 4.71 11.88 -10.56
CA ALA B 66 3.39 12.41 -10.19
C ALA B 66 3.47 13.17 -8.88
N THR B 67 2.69 14.25 -8.75
CA THR B 67 2.69 15.09 -7.55
C THR B 67 1.28 15.08 -6.94
N PHE B 68 1.17 15.15 -5.59
CA PHE B 68 -0.12 15.17 -4.91
C PHE B 68 -0.04 16.06 -3.68
N SER B 69 -1.19 16.40 -3.11
CA SER B 69 -1.34 17.16 -1.86
C SER B 69 -1.71 16.22 -0.70
N ILE B 70 -1.23 16.50 0.52
CA ILE B 70 -1.51 15.72 1.74
C ILE B 70 -1.82 16.71 2.88
N GLY B 71 -2.96 16.54 3.54
CA GLY B 71 -3.38 17.40 4.65
C GLY B 71 -3.68 18.83 4.25
N SER B 72 -3.26 19.80 5.08
CA SER B 72 -3.48 21.22 4.82
C SER B 72 -2.41 21.85 3.92
N THR B 73 -1.13 21.48 4.11
CA THR B 73 -0.01 22.10 3.40
C THR B 73 0.94 21.12 2.75
N GLY B 74 0.82 19.83 3.09
CA GLY B 74 1.71 18.80 2.58
C GLY B 74 1.67 18.60 1.09
N LEU B 75 2.84 18.31 0.51
CA LEU B 75 3.03 18.04 -0.91
C LEU B 75 3.89 16.82 -1.06
N VAL B 76 3.60 16.02 -2.08
N VAL B 76 3.60 16.00 -2.06
CA VAL B 76 4.34 14.78 -2.32
CA VAL B 76 4.39 14.79 -2.26
C VAL B 76 4.72 14.66 -3.80
C VAL B 76 4.68 14.53 -3.74
N VAL B 77 5.93 14.15 -4.06
CA VAL B 77 6.40 13.81 -5.41
C VAL B 77 6.68 12.29 -5.42
N TYR B 78 6.01 11.54 -6.30
CA TYR B 78 6.27 10.12 -6.61
C TYR B 78 7.12 10.12 -7.84
N ASP B 79 8.33 9.60 -7.75
CA ASP B 79 9.22 9.48 -8.90
C ASP B 79 9.29 7.98 -9.20
N TYR B 80 8.42 7.51 -10.10
CA TYR B 80 8.29 6.10 -10.45
C TYR B 80 9.53 5.53 -11.16
N GLN B 81 10.30 6.38 -11.84
CA GLN B 81 11.52 5.99 -12.56
C GLN B 81 12.67 5.70 -11.57
N GLN B 82 12.94 6.65 -10.66
CA GLN B 82 14.00 6.56 -9.65
C GLN B 82 13.57 5.73 -8.46
N LEU B 83 12.27 5.38 -8.38
CA LEU B 83 11.63 4.58 -7.33
C LEU B 83 11.84 5.22 -5.95
N LEU B 84 11.46 6.49 -5.85
CA LEU B 84 11.53 7.22 -4.59
C LEU B 84 10.34 8.17 -4.44
N ILE B 85 10.06 8.54 -3.18
CA ILE B 85 9.02 9.46 -2.76
C ILE B 85 9.66 10.59 -1.94
N ALA B 86 9.31 11.83 -2.29
CA ALA B 86 9.73 13.02 -1.58
C ALA B 86 8.47 13.66 -0.98
N TYR B 87 8.48 13.92 0.33
CA TYR B 87 7.36 14.51 1.08
C TYR B 87 7.81 15.78 1.83
N LYS B 88 7.05 16.86 1.67
CA LYS B 88 7.29 18.15 2.33
C LYS B 88 6.03 18.53 3.15
N PRO B 89 6.11 18.49 4.50
CA PRO B 89 4.91 18.80 5.32
C PRO B 89 4.33 20.19 5.11
N ALA B 90 5.19 21.20 4.86
CA ALA B 90 4.77 22.58 4.67
C ALA B 90 5.90 23.41 4.08
N PRO B 91 5.61 24.56 3.42
CA PRO B 91 6.72 25.44 2.96
C PRO B 91 7.66 25.81 4.12
N GLY B 92 8.95 25.93 3.81
CA GLY B 92 10.00 26.30 4.76
C GLY B 92 10.32 25.28 5.85
N THR B 93 9.92 24.00 5.67
CA THR B 93 10.19 23.02 6.71
C THR B 93 11.34 22.08 6.29
N CYS B 94 11.02 20.90 5.70
CA CYS B 94 12.02 19.92 5.27
C CYS B 94 11.41 18.99 4.21
N CYS B 95 12.23 18.10 3.66
CA CYS B 95 11.79 17.06 2.74
C CYS B 95 12.25 15.74 3.28
N TYR B 96 11.36 14.75 3.27
CA TYR B 96 11.65 13.36 3.61
C TYR B 96 11.77 12.62 2.31
N ILE B 97 12.91 11.97 2.09
CA ILE B 97 13.13 11.17 0.90
C ILE B 97 13.07 9.70 1.33
N LYS B 99 12.87 5.57 -0.23
CA LYS B 99 13.05 4.63 -1.32
C LYS B 99 11.82 3.75 -1.38
N ILE B 100 11.41 3.32 -2.56
CA ILE B 100 10.27 2.41 -2.64
C ILE B 100 10.69 1.15 -3.40
N ALA B 101 10.10 0.02 -3.02
CA ALA B 101 10.33 -1.26 -3.69
C ALA B 101 9.59 -1.23 -5.03
N PRO B 102 10.20 -1.71 -6.15
CA PRO B 102 9.51 -1.65 -7.46
C PRO B 102 8.12 -2.29 -7.50
N GLU B 103 7.86 -3.32 -6.67
CA GLU B 103 6.59 -4.05 -6.64
C GLU B 103 5.59 -3.49 -5.61
N SER B 104 6.02 -2.63 -4.69
CA SER B 104 5.06 -2.15 -3.72
C SER B 104 5.06 -0.61 -3.61
N ILE B 105 4.60 0.06 -4.69
CA ILE B 105 4.40 1.51 -4.72
C ILE B 105 3.17 1.80 -3.86
N PRO B 106 3.29 2.61 -2.78
CA PRO B 106 2.13 2.82 -1.90
C PRO B 106 1.14 3.81 -2.44
N SER B 107 -0.16 3.53 -2.23
CA SER B 107 -1.24 4.46 -2.61
C SER B 107 -1.04 5.75 -1.80
N LEU B 108 -1.75 6.85 -2.16
N LEU B 108 -1.76 6.84 -2.17
CA LEU B 108 -1.65 8.12 -1.44
CA LEU B 108 -1.73 8.11 -1.46
C LEU B 108 -2.13 7.96 0.02
C LEU B 108 -2.14 7.97 0.00
N GLU B 109 -3.16 7.14 0.24
CA GLU B 109 -3.70 6.81 1.57
C GLU B 109 -2.65 6.10 2.43
N ALA B 110 -1.93 5.12 1.84
CA ALA B 110 -0.86 4.37 2.54
C ALA B 110 0.28 5.32 2.94
N LEU B 111 0.62 6.25 2.06
CA LEU B 111 1.68 7.22 2.34
C LEU B 111 1.26 8.22 3.44
N THR B 112 -0.02 8.64 3.44
CA THR B 112 -0.58 9.51 4.47
C THR B 112 -0.46 8.82 5.85
N ARG B 113 -0.80 7.51 5.95
N ARG B 113 -0.80 7.51 5.96
CA ARG B 113 -0.67 6.75 7.20
CA ARG B 113 -0.64 6.78 7.23
C ARG B 113 0.80 6.62 7.63
C ARG B 113 0.82 6.67 7.63
N LYS B 114 1.73 6.37 6.67
CA LYS B 114 3.17 6.23 6.93
C LYS B 114 3.80 7.53 7.51
N VAL B 115 3.38 8.68 6.99
CA VAL B 115 3.79 10.03 7.41
C VAL B 115 3.43 10.22 8.90
N HIS B 116 2.22 9.81 9.28
CA HIS B 116 1.71 9.84 10.65
C HIS B 116 2.49 8.80 11.52
N ASN B 117 2.63 7.54 11.03
CA ASN B 117 3.31 6.46 11.78
C ASN B 117 4.78 6.75 12.07
N PHE B 118 5.50 7.36 11.10
CA PHE B 118 6.91 7.74 11.26
C PHE B 118 7.04 9.12 11.92
N GLN B 119 5.91 9.84 12.12
CA GLN B 119 5.87 11.18 12.75
C GLN B 119 6.83 12.12 11.98
N GLU B 121 7.49 15.24 10.99
CA GLU B 121 7.15 16.63 11.29
C GLU B 121 8.39 17.57 11.30
N CYS B 122 9.51 17.15 10.68
CA CYS B 122 10.77 17.92 10.52
C CYS B 122 11.48 18.28 11.84
N SER B 123 11.13 17.61 12.95
CA SER B 123 11.74 17.84 14.27
C SER B 123 13.04 17.05 14.41
N PHE B 154 21.35 14.54 -7.98
CA PHE B 154 21.04 13.13 -7.69
C PHE B 154 19.55 12.89 -7.88
N LEU B 155 18.71 13.72 -7.24
CA LEU B 155 17.25 13.66 -7.29
C LEU B 155 16.78 14.31 -8.60
N GLY B 156 15.59 13.93 -9.06
CA GLY B 156 15.02 14.47 -10.29
C GLY B 156 14.70 15.94 -10.24
N ALA B 158 11.54 17.39 -10.53
CA ALA B 158 10.33 17.67 -9.71
C ALA B 158 10.65 17.69 -8.20
N VAL B 159 11.54 16.77 -7.74
CA VAL B 159 11.94 16.65 -6.34
C VAL B 159 12.78 17.86 -5.95
N SER B 160 13.71 18.29 -6.84
CA SER B 160 14.56 19.46 -6.61
C SER B 160 13.73 20.76 -6.55
N THR B 161 12.70 20.89 -7.42
CA THR B 161 11.77 22.03 -7.38
C THR B 161 11.08 22.08 -6.01
N LEU B 162 10.57 20.92 -5.55
CA LEU B 162 9.86 20.85 -4.28
C LEU B 162 10.78 21.09 -3.07
N CYS B 163 11.98 20.51 -3.07
CA CYS B 163 12.83 20.49 -1.90
C CYS B 163 13.97 21.46 -1.90
N GLY B 164 14.01 22.36 -2.88
CA GLY B 164 15.05 23.38 -2.89
C GLY B 164 14.85 24.30 -1.69
N GLU B 165 15.96 24.68 -1.03
CA GLU B 165 16.05 25.59 0.12
C GLU B 165 15.72 24.97 1.51
N VAL B 166 15.36 23.69 1.58
CA VAL B 166 15.03 23.07 2.87
C VAL B 166 15.94 21.86 3.16
N PRO B 167 16.16 21.47 4.45
CA PRO B 167 16.97 20.25 4.72
C PRO B 167 16.28 18.97 4.24
N LEU B 168 17.10 17.98 3.82
CA LEU B 168 16.62 16.68 3.33
C LEU B 168 16.90 15.59 4.33
N TYR B 169 15.90 14.77 4.65
CA TYR B 169 16.11 13.65 5.57
C TYR B 169 15.77 12.36 4.87
N TYR B 170 16.70 11.43 4.84
CA TYR B 170 16.54 10.12 4.23
C TYR B 170 16.00 9.18 5.31
N ILE B 171 14.89 8.47 5.04
CA ILE B 171 14.28 7.56 6.02
C ILE B 171 14.09 6.16 5.43
N HIS C 61 13.30 -29.88 -2.85
CA HIS C 61 13.01 -29.09 -1.65
C HIS C 61 13.04 -27.59 -1.95
N LEU C 62 11.99 -26.87 -1.53
CA LEU C 62 11.90 -25.43 -1.76
C LEU C 62 11.31 -24.72 -0.53
N VAL C 63 12.13 -23.87 0.12
CA VAL C 63 11.72 -23.06 1.28
C VAL C 63 11.74 -21.57 0.89
N THR C 64 10.92 -20.75 1.57
CA THR C 64 10.84 -19.32 1.30
C THR C 64 10.52 -18.59 2.63
N THR C 65 9.23 -18.33 2.90
CA THR C 65 8.71 -17.69 4.09
C THR C 65 7.60 -18.54 4.70
N ALA C 66 7.26 -18.28 5.95
CA ALA C 66 6.14 -18.86 6.70
C ALA C 66 5.64 -17.81 7.69
N THR C 67 4.34 -17.69 7.83
CA THR C 67 3.74 -16.69 8.73
C THR C 67 3.04 -17.39 9.91
N PHE C 68 3.15 -16.85 11.12
CA PHE C 68 2.49 -17.42 12.28
C PHE C 68 1.93 -16.32 13.17
N SER C 69 0.85 -16.63 13.88
CA SER C 69 0.22 -15.73 14.85
C SER C 69 0.87 -15.93 16.22
N ILE C 70 1.11 -14.85 16.96
CA ILE C 70 1.70 -14.85 18.31
C ILE C 70 0.77 -13.98 19.16
N GLY C 71 0.23 -14.55 20.23
CA GLY C 71 -0.73 -13.89 21.11
C GLY C 71 -2.04 -13.68 20.38
N SER C 72 -2.72 -12.54 20.63
CA SER C 72 -4.00 -12.23 19.98
C SER C 72 -3.86 -11.26 18.79
N THR C 73 -2.82 -10.42 18.78
CA THR C 73 -2.64 -9.46 17.67
C THR C 73 -1.28 -9.58 16.94
N GLY C 74 -0.37 -10.36 17.52
CA GLY C 74 0.97 -10.51 16.97
C GLY C 74 1.07 -11.37 15.71
N LEU C 75 1.96 -11.00 14.81
CA LEU C 75 2.24 -11.73 13.61
C LEU C 75 3.73 -11.80 13.41
N VAL C 76 4.20 -12.93 12.91
N VAL C 76 4.22 -12.95 12.94
CA VAL C 76 5.61 -13.21 12.65
CA VAL C 76 5.65 -13.17 12.63
C VAL C 76 5.79 -13.76 11.24
C VAL C 76 5.77 -13.70 11.22
N VAL C 77 6.85 -13.33 10.54
CA VAL C 77 7.19 -13.84 9.23
C VAL C 77 8.59 -14.41 9.38
N TYR C 78 8.72 -15.71 9.21
CA TYR C 78 10.02 -16.36 9.16
C TYR C 78 10.47 -16.29 7.70
N ASP C 79 11.56 -15.57 7.42
CA ASP C 79 12.14 -15.53 6.09
C ASP C 79 13.38 -16.41 6.13
N TYR C 80 13.22 -17.69 5.74
CA TYR C 80 14.31 -18.68 5.71
C TYR C 80 15.37 -18.39 4.63
N GLN C 81 15.01 -17.62 3.58
CA GLN C 81 15.93 -17.24 2.50
C GLN C 81 16.90 -16.10 2.91
N GLN C 82 16.38 -15.06 3.61
CA GLN C 82 17.16 -13.90 4.08
C GLN C 82 17.66 -14.10 5.50
N LEU C 83 17.33 -15.25 6.10
CA LEU C 83 17.67 -15.64 7.47
C LEU C 83 17.25 -14.53 8.45
N LEU C 84 15.96 -14.22 8.44
CA LEU C 84 15.46 -13.23 9.36
C LEU C 84 14.03 -13.51 9.77
N ILE C 85 13.65 -12.98 10.93
CA ILE C 85 12.32 -13.04 11.51
C ILE C 85 11.81 -11.60 11.66
N ALA C 86 10.60 -11.35 11.11
CA ALA C 86 9.91 -10.05 11.25
C ALA C 86 8.79 -10.20 12.26
N TYR C 87 8.79 -9.39 13.31
CA TYR C 87 7.75 -9.49 14.33
C TYR C 87 7.02 -8.16 14.44
N LYS C 88 5.70 -8.22 14.29
CA LYS C 88 4.79 -7.07 14.43
C LYS C 88 3.81 -7.33 15.58
N PRO C 89 3.99 -6.65 16.74
CA PRO C 89 3.12 -6.93 17.90
C PRO C 89 1.63 -6.71 17.64
N ALA C 90 1.29 -5.70 16.83
CA ALA C 90 -0.10 -5.40 16.52
C ALA C 90 -0.19 -4.57 15.24
N PRO C 91 -1.38 -4.51 14.60
CA PRO C 91 -1.55 -3.62 13.42
C PRO C 91 -1.23 -2.14 13.71
N GLY C 92 -0.54 -1.51 12.75
CA GLY C 92 -0.19 -0.09 12.78
C GLY C 92 0.80 0.33 13.83
N THR C 93 1.67 -0.59 14.32
CA THR C 93 2.61 -0.21 15.36
C THR C 93 4.02 -0.12 14.76
N CYS C 94 4.79 -1.22 14.77
CA CYS C 94 6.17 -1.26 14.28
C CYS C 94 6.55 -2.72 14.02
N CYS C 95 7.70 -2.95 13.36
CA CYS C 95 8.23 -4.28 13.11
C CYS C 95 9.62 -4.38 13.72
N TYR C 96 9.90 -5.49 14.39
CA TYR C 96 11.22 -5.85 14.88
C TYR C 96 11.78 -6.86 13.88
N ILE C 97 12.94 -6.55 13.27
CA ILE C 97 13.61 -7.40 12.29
C ILE C 97 14.79 -8.07 13.01
N LYS C 99 17.83 -10.91 12.89
CA LYS C 99 18.64 -11.82 12.08
C LYS C 99 18.78 -13.15 12.82
N ILE C 100 18.73 -14.26 12.10
CA ILE C 100 18.89 -15.58 12.70
C ILE C 100 20.06 -16.31 12.05
N ALA C 101 20.66 -17.18 12.85
CA ALA C 101 21.78 -18.01 12.47
C ALA C 101 21.27 -19.35 11.94
N PRO C 102 21.87 -19.87 10.85
CA PRO C 102 21.46 -21.20 10.34
C PRO C 102 21.49 -22.33 11.41
N GLU C 103 22.52 -22.33 12.32
CA GLU C 103 22.67 -23.32 13.41
C GLU C 103 21.53 -23.31 14.41
N SER C 104 20.92 -22.14 14.61
CA SER C 104 19.93 -21.99 15.65
C SER C 104 18.69 -21.19 15.20
N ILE C 105 17.87 -21.77 14.30
CA ILE C 105 16.61 -21.13 13.89
C ILE C 105 15.61 -21.44 15.02
N PRO C 106 15.08 -20.42 15.72
CA PRO C 106 14.20 -20.72 16.87
C PRO C 106 12.84 -21.25 16.45
N SER C 107 12.36 -22.24 17.19
CA SER C 107 11.01 -22.76 16.98
C SER C 107 10.02 -21.65 17.32
N LEU C 108 8.74 -21.83 16.96
CA LEU C 108 7.73 -20.84 17.31
C LEU C 108 7.66 -20.67 18.86
N GLU C 109 7.74 -21.80 19.61
CA GLU C 109 7.74 -21.86 21.07
C GLU C 109 8.89 -21.04 21.65
N ALA C 110 10.14 -21.24 21.15
CA ALA C 110 11.35 -20.50 21.61
C ALA C 110 11.23 -19.01 21.29
N LEU C 111 10.72 -18.67 20.10
CA LEU C 111 10.53 -17.29 19.70
C LEU C 111 9.50 -16.57 20.59
N THR C 112 8.42 -17.26 20.99
CA THR C 112 7.35 -16.72 21.84
C THR C 112 7.89 -16.41 23.24
N ARG C 113 8.73 -17.28 23.81
CA ARG C 113 9.40 -17.04 25.09
C ARG C 113 10.28 -15.77 25.03
N LYS C 114 11.10 -15.65 23.96
CA LYS C 114 12.00 -14.51 23.72
C LYS C 114 11.21 -13.20 23.57
N VAL C 115 10.11 -13.19 22.83
CA VAL C 115 9.25 -12.02 22.66
C VAL C 115 8.64 -11.59 24.03
N HIS C 116 8.21 -12.57 24.87
CA HIS C 116 7.65 -12.34 26.21
C HIS C 116 8.71 -11.76 27.19
N ASN C 117 9.97 -12.19 27.06
CA ASN C 117 11.05 -11.71 27.92
C ASN C 117 11.56 -10.36 27.46
N PHE C 118 11.63 -10.10 26.14
CA PHE C 118 12.11 -8.81 25.62
C PHE C 118 11.04 -7.71 25.80
N GLN C 119 11.45 -6.45 25.65
CA GLN C 119 10.59 -5.29 25.74
C GLN C 119 10.32 -4.83 24.30
N GLU C 121 7.38 -3.66 22.43
CA GLU C 121 6.01 -3.18 22.39
C GLU C 121 5.84 -1.84 21.63
N CYS C 122 6.73 -1.54 20.66
CA CYS C 122 6.64 -0.33 19.79
C CYS C 122 6.25 0.90 20.62
N SER C 123 7.05 1.22 21.64
CA SER C 123 6.78 2.30 22.61
C SER C 123 6.77 3.71 22.01
N LEU C 124 7.45 3.94 20.84
CA LEU C 124 7.46 5.25 20.15
C LEU C 124 6.27 5.39 19.16
N GLN C 125 5.36 4.40 19.13
CA GLN C 125 4.23 4.41 18.20
C GLN C 125 2.91 4.30 18.94
N PHE C 154 17.16 -4.98 0.14
CA PHE C 154 15.73 -4.79 0.41
C PHE C 154 15.09 -6.06 1.01
N LEU C 155 14.14 -5.86 1.93
CA LEU C 155 13.41 -6.92 2.61
C LEU C 155 12.55 -7.67 1.64
N GLY C 156 12.30 -8.94 1.93
CA GLY C 156 11.48 -9.78 1.07
C GLY C 156 10.05 -9.30 0.95
N ALA C 158 6.98 -10.93 1.58
CA ALA C 158 6.09 -11.18 2.73
C ALA C 158 6.41 -10.24 3.90
N VAL C 159 7.71 -9.97 4.18
CA VAL C 159 8.12 -9.05 5.27
C VAL C 159 7.62 -7.62 4.94
N SER C 160 7.78 -7.18 3.68
N SER C 160 7.78 -7.19 3.68
CA SER C 160 7.32 -5.86 3.17
CA SER C 160 7.33 -5.89 3.13
C SER C 160 5.78 -5.71 3.29
C SER C 160 5.79 -5.72 3.26
N THR C 161 5.01 -6.80 3.08
CA THR C 161 3.55 -6.81 3.22
C THR C 161 3.19 -6.57 4.70
N LEU C 162 3.84 -7.32 5.58
CA LEU C 162 3.58 -7.21 7.01
C LEU C 162 4.01 -5.85 7.58
N CYS C 163 5.18 -5.38 7.17
CA CYS C 163 5.83 -4.23 7.76
C CYS C 163 5.76 -2.93 6.98
N GLY C 164 5.11 -2.90 5.82
CA GLY C 164 4.99 -1.67 5.04
C GLY C 164 4.12 -0.67 5.76
N GLU C 165 4.59 0.57 5.90
CA GLU C 165 3.91 1.69 6.57
C GLU C 165 4.32 1.85 8.01
N VAL C 166 5.10 0.92 8.58
CA VAL C 166 5.43 1.08 10.00
C VAL C 166 6.95 1.11 10.21
N PRO C 167 7.46 1.81 11.26
CA PRO C 167 8.91 1.83 11.49
C PRO C 167 9.47 0.43 11.77
N LEU C 168 10.71 0.23 11.36
CA LEU C 168 11.46 -1.01 11.52
C LEU C 168 12.58 -0.83 12.51
N TYR C 169 12.74 -1.77 13.43
CA TYR C 169 13.84 -1.77 14.39
C TYR C 169 14.57 -3.09 14.25
N TYR C 170 15.84 -2.99 13.91
CA TYR C 170 16.74 -4.10 13.69
C TYR C 170 17.45 -4.42 14.99
N ILE C 171 17.53 -5.72 15.36
CA ILE C 171 18.27 -6.17 16.56
C ILE C 171 18.97 -7.52 16.31
N LEU D 62 12.41 -15.97 -5.49
CA LEU D 62 11.54 -17.11 -5.78
C LEU D 62 10.25 -17.03 -4.92
N VAL D 63 9.61 -15.84 -4.91
CA VAL D 63 8.42 -15.57 -4.11
C VAL D 63 7.14 -16.07 -4.84
N THR D 64 6.29 -16.81 -4.09
CA THR D 64 5.04 -17.36 -4.59
C THR D 64 3.82 -16.77 -3.89
N THR D 65 3.50 -17.28 -2.68
CA THR D 65 2.37 -16.84 -1.86
C THR D 65 2.78 -16.60 -0.40
N ALA D 66 1.91 -15.93 0.36
CA ALA D 66 2.03 -15.68 1.79
C ALA D 66 0.64 -15.53 2.37
N THR D 67 0.47 -15.95 3.61
CA THR D 67 -0.80 -15.90 4.32
C THR D 67 -0.63 -15.02 5.55
N PHE D 68 -1.70 -14.37 6.01
CA PHE D 68 -1.71 -13.43 7.15
C PHE D 68 -3.09 -13.45 7.81
N SER D 69 -3.16 -12.95 9.05
CA SER D 69 -4.40 -12.80 9.82
C SER D 69 -4.76 -11.32 9.85
N ILE D 70 -6.06 -11.03 9.76
CA ILE D 70 -6.63 -9.68 9.79
C ILE D 70 -7.83 -9.74 10.74
N GLY D 71 -7.88 -8.80 11.67
CA GLY D 71 -8.92 -8.75 12.69
C GLY D 71 -8.86 -9.95 13.59
N SER D 72 -10.01 -10.38 14.12
CA SER D 72 -10.08 -11.52 15.03
C SER D 72 -10.29 -12.85 14.30
N THR D 73 -10.89 -12.83 13.09
CA THR D 73 -11.23 -14.07 12.37
C THR D 73 -10.80 -14.07 10.90
N GLY D 74 -10.43 -12.90 10.39
CA GLY D 74 -10.06 -12.69 8.99
C GLY D 74 -8.74 -13.33 8.62
N LEU D 75 -8.73 -13.93 7.44
CA LEU D 75 -7.56 -14.57 6.87
C LEU D 75 -7.38 -14.06 5.46
N VAL D 76 -6.13 -13.87 5.07
N VAL D 76 -6.12 -13.80 5.07
CA VAL D 76 -5.75 -13.38 3.76
CA VAL D 76 -5.77 -13.29 3.73
C VAL D 76 -4.71 -14.30 3.14
C VAL D 76 -4.61 -14.09 3.11
N VAL D 77 -4.74 -14.40 1.81
CA VAL D 77 -3.75 -15.10 1.01
C VAL D 77 -3.28 -14.08 -0.03
N TYR D 78 -1.98 -13.80 -0.04
CA TYR D 78 -1.34 -13.01 -1.07
C TYR D 78 -0.71 -13.97 -2.05
N ASP D 79 -1.07 -13.87 -3.33
CA ASP D 79 -0.49 -14.67 -4.39
C ASP D 79 0.28 -13.70 -5.25
N TYR D 80 1.57 -13.53 -4.95
CA TYR D 80 2.43 -12.57 -5.64
C TYR D 80 2.75 -13.00 -7.07
N GLN D 81 2.71 -14.31 -7.34
CA GLN D 81 2.98 -14.87 -8.66
C GLN D 81 1.84 -14.50 -9.61
N GLN D 82 0.59 -14.76 -9.19
CA GLN D 82 -0.63 -14.51 -9.97
C GLN D 82 -1.23 -13.10 -9.75
N LEU D 83 -0.56 -12.23 -8.94
CA LEU D 83 -0.96 -10.85 -8.61
C LEU D 83 -2.45 -10.81 -8.21
N LEU D 84 -2.72 -11.62 -7.20
CA LEU D 84 -4.03 -11.90 -6.67
C LEU D 84 -4.00 -11.87 -5.14
N ILE D 85 -5.08 -11.36 -4.52
CA ILE D 85 -5.33 -11.39 -3.07
C ILE D 85 -6.71 -12.06 -2.83
N ALA D 86 -6.76 -13.03 -1.91
CA ALA D 86 -7.96 -13.71 -1.46
C ALA D 86 -8.21 -13.31 -0.01
N TYR D 87 -9.38 -12.72 0.31
CA TYR D 87 -9.70 -12.31 1.68
C TYR D 87 -10.98 -12.98 2.15
N LYS D 88 -10.88 -13.68 3.29
CA LYS D 88 -11.98 -14.39 3.93
C LYS D 88 -12.25 -13.73 5.32
N PRO D 89 -13.39 -13.01 5.50
CA PRO D 89 -13.68 -12.33 6.79
C PRO D 89 -13.78 -13.26 8.00
N ALA D 90 -14.38 -14.44 7.84
CA ALA D 90 -14.54 -15.41 8.93
C ALA D 90 -14.80 -16.79 8.39
N PRO D 91 -14.64 -17.89 9.17
CA PRO D 91 -15.06 -19.20 8.65
C PRO D 91 -16.54 -19.22 8.23
N GLY D 92 -16.85 -19.94 7.15
CA GLY D 92 -18.19 -20.15 6.62
C GLY D 92 -18.90 -18.92 6.08
N THR D 93 -18.15 -17.91 5.61
CA THR D 93 -18.80 -16.69 5.08
C THR D 93 -18.61 -16.64 3.56
N CYS D 94 -17.53 -16.02 3.07
CA CYS D 94 -17.25 -15.88 1.65
C CYS D 94 -15.79 -15.49 1.43
N CYS D 95 -15.36 -15.45 0.18
CA CYS D 95 -14.01 -15.02 -0.17
C CYS D 95 -14.10 -13.91 -1.17
N TYR D 96 -13.34 -12.86 -0.96
CA TYR D 96 -13.21 -11.76 -1.90
C TYR D 96 -11.92 -11.96 -2.65
N ILE D 97 -11.99 -12.01 -4.01
CA ILE D 97 -10.79 -12.17 -4.84
C ILE D 97 -10.51 -10.86 -5.57
N LYS D 99 -7.55 -8.43 -7.85
CA LYS D 99 -6.33 -8.39 -8.66
C LYS D 99 -5.39 -7.34 -8.05
N ILE D 100 -4.08 -7.52 -8.23
CA ILE D 100 -3.05 -6.56 -7.81
C ILE D 100 -2.33 -6.05 -9.05
N ALA D 101 -1.92 -4.76 -9.04
CA ALA D 101 -1.06 -4.20 -10.06
C ALA D 101 0.38 -4.70 -9.76
N PRO D 102 1.20 -5.09 -10.77
CA PRO D 102 2.54 -5.66 -10.45
C PRO D 102 3.48 -4.74 -9.66
N GLU D 103 3.30 -3.41 -9.75
CA GLU D 103 4.13 -2.41 -9.09
C GLU D 103 3.49 -1.86 -7.80
N SER D 104 2.24 -2.22 -7.47
CA SER D 104 1.59 -1.68 -6.28
C SER D 104 0.89 -2.77 -5.42
N ILE D 105 1.71 -3.63 -4.81
CA ILE D 105 1.28 -4.69 -3.90
C ILE D 105 1.01 -4.01 -2.53
N PRO D 106 -0.24 -4.09 -2.02
CA PRO D 106 -0.56 -3.33 -0.80
C PRO D 106 -0.09 -4.00 0.47
N SER D 107 0.32 -3.16 1.45
CA SER D 107 0.71 -3.62 2.77
C SER D 107 -0.51 -4.26 3.42
N LEU D 108 -0.33 -4.92 4.55
CA LEU D 108 -1.41 -5.56 5.28
C LEU D 108 -2.39 -4.50 5.84
N GLU D 109 -1.83 -3.35 6.26
CA GLU D 109 -2.54 -2.15 6.73
C GLU D 109 -3.42 -1.56 5.66
N ALA D 110 -2.90 -1.52 4.42
CA ALA D 110 -3.59 -0.95 3.25
C ALA D 110 -4.74 -1.85 2.85
N LEU D 111 -4.53 -3.16 2.87
CA LEU D 111 -5.55 -4.16 2.58
C LEU D 111 -6.68 -4.09 3.62
N THR D 112 -6.35 -3.87 4.91
CA THR D 112 -7.29 -3.74 6.04
C THR D 112 -8.18 -2.51 5.78
N ARG D 113 -7.60 -1.41 5.29
N ARG D 113 -7.60 -1.42 5.29
CA ARG D 113 -8.33 -0.20 4.96
CA ARG D 113 -8.33 -0.20 4.96
C ARG D 113 -9.22 -0.41 3.74
C ARG D 113 -9.22 -0.44 3.74
N LYS D 114 -8.69 -1.13 2.71
CA LYS D 114 -9.43 -1.47 1.47
C LYS D 114 -10.66 -2.36 1.77
N VAL D 115 -10.53 -3.35 2.65
CA VAL D 115 -11.67 -4.21 2.95
C VAL D 115 -12.78 -3.39 3.67
N HIS D 116 -12.41 -2.40 4.51
CA HIS D 116 -13.35 -1.52 5.18
C HIS D 116 -14.02 -0.53 4.18
N ASN D 117 -13.23 0.07 3.24
CA ASN D 117 -13.73 1.04 2.24
C ASN D 117 -14.67 0.38 1.25
N PHE D 118 -14.41 -0.89 0.91
CA PHE D 118 -15.27 -1.62 -0.05
C PHE D 118 -16.43 -2.33 0.66
N GLN D 119 -16.49 -2.24 2.02
CA GLN D 119 -17.47 -2.89 2.90
C GLN D 119 -17.51 -4.40 2.63
N GLU D 121 -17.85 -7.50 3.84
CA GLU D 121 -18.29 -8.26 5.01
C GLU D 121 -19.30 -9.37 4.65
N CYS D 122 -19.27 -9.85 3.38
CA CYS D 122 -20.10 -10.93 2.79
C CYS D 122 -21.60 -10.62 2.92
N PHE D 154 -9.21 -22.26 -11.45
CA PHE D 154 -8.28 -22.49 -10.35
C PHE D 154 -7.45 -21.23 -10.08
N LEU D 155 -7.39 -20.82 -8.80
CA LEU D 155 -6.69 -19.62 -8.37
C LEU D 155 -5.42 -19.97 -7.55
N GLY D 156 -5.09 -21.26 -7.49
CA GLY D 156 -3.94 -21.75 -6.74
C GLY D 156 -4.34 -22.57 -5.52
N ALA D 158 -3.23 -22.58 -2.24
CA ALA D 158 -3.47 -21.81 -0.99
C ALA D 158 -4.85 -21.11 -0.95
N VAL D 159 -5.25 -20.49 -2.08
CA VAL D 159 -6.54 -19.80 -2.22
C VAL D 159 -7.67 -20.83 -2.16
N SER D 160 -7.55 -21.96 -2.89
CA SER D 160 -8.54 -23.04 -2.90
C SER D 160 -8.71 -23.63 -1.50
N THR D 161 -7.58 -23.80 -0.73
CA THR D 161 -7.62 -24.30 0.65
C THR D 161 -8.41 -23.32 1.52
N LEU D 162 -8.07 -22.03 1.41
CA LEU D 162 -8.75 -21.01 2.19
C LEU D 162 -10.24 -20.85 1.82
N CYS D 163 -10.58 -20.90 0.52
CA CYS D 163 -11.91 -20.56 0.04
C CYS D 163 -12.80 -21.74 -0.37
N GLY D 164 -12.33 -22.94 -0.13
CA GLY D 164 -13.13 -24.13 -0.41
C GLY D 164 -14.41 -24.10 0.40
N GLU D 165 -15.54 -24.35 -0.29
CA GLU D 165 -16.90 -24.44 0.27
C GLU D 165 -17.66 -23.10 0.43
N VAL D 166 -17.00 -21.94 0.24
CA VAL D 166 -17.70 -20.66 0.41
C VAL D 166 -17.83 -19.89 -0.94
N PRO D 167 -18.85 -18.99 -1.13
CA PRO D 167 -18.91 -18.24 -2.40
C PRO D 167 -17.74 -17.29 -2.60
N LEU D 168 -17.38 -17.09 -3.86
CA LEU D 168 -16.28 -16.23 -4.31
C LEU D 168 -16.82 -14.96 -4.92
N TYR D 169 -16.35 -13.79 -4.42
CA TYR D 169 -16.74 -12.50 -4.99
C TYR D 169 -15.53 -11.80 -5.56
N TYR D 170 -15.52 -11.58 -6.87
CA TYR D 170 -14.46 -10.90 -7.61
C TYR D 170 -14.72 -9.40 -7.56
N ILE D 171 -13.70 -8.61 -7.18
CA ILE D 171 -13.84 -7.15 -7.06
C ILE D 171 -12.67 -6.42 -7.72
N VAL E 63 9.91 13.51 -20.20
CA VAL E 63 9.85 14.05 -18.84
C VAL E 63 8.43 14.53 -18.52
N THR E 64 7.77 13.88 -17.55
CA THR E 64 6.43 14.24 -17.08
C THR E 64 6.53 15.55 -16.30
N THR E 65 5.69 16.54 -16.65
CA THR E 65 5.63 17.87 -16.04
C THR E 65 5.35 17.78 -14.53
N ALA E 66 5.76 18.80 -13.76
CA ALA E 66 5.45 18.78 -12.34
C ALA E 66 4.43 19.86 -11.99
N THR E 67 3.36 19.47 -11.29
CA THR E 67 2.30 20.36 -10.84
C THR E 67 2.43 20.56 -9.32
N PHE E 68 2.27 21.79 -8.83
CA PHE E 68 2.37 22.06 -7.39
C PHE E 68 1.30 23.03 -6.95
N SER E 69 0.88 22.94 -5.67
CA SER E 69 -0.07 23.84 -5.01
C SER E 69 0.69 24.95 -4.29
N ILE E 70 0.23 26.21 -4.43
CA ILE E 70 0.80 27.40 -3.77
C ILE E 70 -0.35 28.11 -3.07
N GLY E 71 -0.24 28.25 -1.76
CA GLY E 71 -1.28 28.89 -0.95
C GLY E 71 -2.50 28.01 -0.85
N SER E 72 -3.68 28.62 -0.70
CA SER E 72 -4.92 27.85 -0.57
C SER E 72 -5.54 27.48 -1.92
N THR E 73 -5.38 28.36 -2.95
CA THR E 73 -6.05 28.17 -4.26
C THR E 73 -5.09 28.16 -5.46
N GLY E 74 -3.84 28.54 -5.25
CA GLY E 74 -2.86 28.65 -6.31
C GLY E 74 -2.33 27.34 -6.82
N LEU E 75 -2.04 27.29 -8.14
CA LEU E 75 -1.49 26.10 -8.81
C LEU E 75 -0.42 26.50 -9.80
N VAL E 76 0.64 25.68 -9.89
N VAL E 76 0.67 25.71 -9.86
CA VAL E 76 1.80 25.88 -10.76
CA VAL E 76 1.82 25.93 -10.76
C VAL E 76 2.07 24.63 -11.59
C VAL E 76 2.18 24.67 -11.55
N VAL E 77 2.41 24.82 -12.87
CA VAL E 77 2.82 23.73 -13.75
C VAL E 77 4.22 24.04 -14.26
N TYR E 78 5.20 23.20 -13.90
CA TYR E 78 6.58 23.27 -14.39
C TYR E 78 6.70 22.33 -15.57
N ASP E 79 6.85 22.86 -16.79
CA ASP E 79 7.00 22.06 -18.00
C ASP E 79 8.48 22.06 -18.38
N TYR E 80 9.25 21.12 -17.81
CA TYR E 80 10.69 20.98 -18.01
C TYR E 80 11.05 20.65 -19.48
N GLN E 81 10.28 19.75 -20.12
C GLN E 81 9.91 20.90 -23.26
N GLN E 82 9.04 21.74 -22.67
CA GLN E 82 8.67 23.02 -23.29
C GLN E 82 9.48 24.19 -22.71
N LEU E 83 10.13 23.94 -21.53
CA LEU E 83 10.95 24.87 -20.75
C LEU E 83 10.21 26.15 -20.34
N LEU E 84 9.06 25.99 -19.63
CA LEU E 84 8.26 27.12 -19.14
C LEU E 84 7.47 26.79 -17.84
N ILE E 85 7.09 27.84 -17.09
CA ILE E 85 6.30 27.77 -15.86
C ILE E 85 4.95 28.50 -16.06
N ALA E 86 3.83 27.86 -15.66
CA ALA E 86 2.49 28.46 -15.71
C ALA E 86 1.92 28.58 -14.28
N TYR E 87 1.67 29.81 -13.81
CA TYR E 87 1.10 30.05 -12.49
C TYR E 87 -0.32 30.55 -12.63
N LYS E 88 -1.24 29.91 -11.90
CA LYS E 88 -2.66 30.26 -11.85
C LYS E 88 -3.05 30.55 -10.38
N PRO E 89 -3.23 31.86 -10.00
CA PRO E 89 -3.51 32.19 -8.57
C PRO E 89 -4.75 31.53 -7.96
N ALA E 90 -5.83 31.36 -8.75
CA ALA E 90 -7.10 30.82 -8.27
C ALA E 90 -8.00 30.38 -9.42
N PRO E 91 -9.03 29.55 -9.18
CA PRO E 91 -9.97 29.23 -10.27
C PRO E 91 -10.62 30.49 -10.87
N GLY E 92 -10.77 30.52 -12.19
CA GLY E 92 -11.41 31.58 -12.95
C GLY E 92 -10.75 32.94 -12.95
N THR E 93 -9.42 33.00 -12.71
CA THR E 93 -8.66 34.24 -12.70
C THR E 93 -7.83 34.34 -14.00
N CYS E 94 -6.55 33.92 -13.97
CA CYS E 94 -5.68 33.98 -15.15
C CYS E 94 -4.48 33.09 -14.96
N CYS E 95 -3.64 32.99 -16.00
CA CYS E 95 -2.38 32.28 -15.99
C CYS E 95 -1.23 33.22 -16.38
N TYR E 96 -0.16 33.21 -15.59
CA TYR E 96 1.11 33.90 -15.85
C TYR E 96 2.06 32.85 -16.42
N ILE E 97 2.56 33.09 -17.65
CA ILE E 97 3.45 32.18 -18.37
C ILE E 97 4.85 32.77 -18.32
N LYS E 99 9.05 31.85 -19.17
CA LYS E 99 10.04 30.96 -19.80
C LYS E 99 11.09 30.62 -18.76
N ILE E 100 11.60 29.38 -18.75
CA ILE E 100 12.68 29.04 -17.80
C ILE E 100 13.97 28.65 -18.55
N ALA E 101 15.12 29.02 -17.95
CA ALA E 101 16.46 28.76 -18.48
C ALA E 101 17.02 27.45 -17.93
N ILE E 105 16.17 27.12 -13.41
CA ILE E 105 14.92 26.56 -12.91
C ILE E 105 14.72 26.94 -11.42
N PRO E 106 13.75 27.84 -11.09
CA PRO E 106 13.59 28.24 -9.68
C PRO E 106 12.92 27.16 -8.83
N SER E 107 13.19 27.17 -7.51
CA SER E 107 12.57 26.28 -6.57
C SER E 107 11.13 26.71 -6.40
N LEU E 108 10.29 25.84 -5.81
CA LEU E 108 8.88 26.14 -5.58
C LEU E 108 8.78 27.32 -4.58
N GLU E 109 9.63 27.33 -3.54
CA GLU E 109 9.71 28.39 -2.50
C GLU E 109 10.10 29.76 -3.09
N ALA E 110 11.03 29.76 -4.06
CA ALA E 110 11.48 30.95 -4.76
C ALA E 110 10.36 31.47 -5.67
N LEU E 111 9.59 30.57 -6.28
CA LEU E 111 8.49 30.96 -7.15
C LEU E 111 7.33 31.58 -6.34
N THR E 112 7.08 31.06 -5.14
CA THR E 112 6.04 31.56 -4.25
C THR E 112 6.30 33.02 -3.85
N ARG E 113 7.58 33.37 -3.53
CA ARG E 113 7.96 34.72 -3.13
C ARG E 113 7.85 35.68 -4.32
N LYS E 114 8.37 35.27 -5.50
CA LYS E 114 8.36 36.02 -6.76
C LYS E 114 6.93 36.44 -7.13
N VAL E 115 5.97 35.49 -7.02
CA VAL E 115 4.52 35.65 -7.24
C VAL E 115 3.98 36.80 -6.38
N HIS E 116 4.37 36.82 -5.09
CA HIS E 116 3.93 37.84 -4.14
C HIS E 116 4.65 39.17 -4.40
N ASN E 117 5.98 39.15 -4.68
CA ASN E 117 6.80 40.35 -4.92
C ASN E 117 6.39 41.07 -6.22
N PHE E 118 6.08 40.31 -7.30
CA PHE E 118 5.64 40.87 -8.58
C PHE E 118 4.12 41.14 -8.60
N GLN E 119 3.43 40.83 -7.47
CA GLN E 119 1.99 40.95 -7.23
C GLN E 119 1.19 40.38 -8.42
N GLU E 121 -1.59 38.78 -9.24
CA GLU E 121 -2.93 38.49 -8.73
C GLU E 121 -4.03 38.72 -9.78
N CYS E 122 -3.66 38.78 -11.10
CA CYS E 122 -4.57 38.96 -12.27
C CYS E 122 -5.37 40.29 -12.21
N SER E 123 -5.10 41.17 -11.22
CA SER E 123 -5.80 42.46 -11.05
N PHE E 154 -0.54 24.92 -27.72
CA PHE E 154 0.83 25.19 -28.18
C PHE E 154 1.77 25.47 -27.01
N LEU E 155 1.37 25.07 -25.79
CA LEU E 155 2.11 25.26 -24.55
C LEU E 155 2.34 23.92 -23.81
N GLY E 156 1.61 22.89 -24.23
CA GLY E 156 1.65 21.56 -23.63
C GLY E 156 0.30 21.16 -23.07
N ALA E 158 -0.56 19.75 -20.10
CA ALA E 158 -0.70 20.16 -18.70
C ALA E 158 -0.99 21.66 -18.55
N VAL E 159 -0.29 22.54 -19.27
CA VAL E 159 -0.54 24.00 -19.22
C VAL E 159 -1.94 24.32 -19.84
N SER E 160 -2.32 23.64 -20.94
CA SER E 160 -3.61 23.82 -21.61
C SER E 160 -4.79 23.44 -20.69
N THR E 161 -4.60 22.41 -19.85
CA THR E 161 -5.60 21.94 -18.89
C THR E 161 -5.77 22.98 -17.78
N LEU E 162 -4.66 23.41 -17.18
CA LEU E 162 -4.66 24.39 -16.11
C LEU E 162 -5.20 25.77 -16.55
N CYS E 163 -4.74 26.27 -17.72
CA CYS E 163 -5.00 27.62 -18.21
C CYS E 163 -6.10 27.73 -19.26
N GLY E 164 -6.79 26.64 -19.55
CA GLY E 164 -7.91 26.68 -20.49
C GLY E 164 -9.07 27.46 -19.89
N GLU E 165 -9.63 28.40 -20.69
CA GLU E 165 -10.79 29.26 -20.40
C GLU E 165 -10.43 30.52 -19.56
N VAL E 166 -9.12 30.78 -19.35
CA VAL E 166 -8.67 31.96 -18.62
C VAL E 166 -7.62 32.72 -19.48
N PRO E 167 -7.49 34.08 -19.35
CA PRO E 167 -6.46 34.80 -20.14
C PRO E 167 -5.00 34.46 -19.74
N LEU E 168 -4.11 34.53 -20.73
CA LEU E 168 -2.68 34.25 -20.58
C LEU E 168 -1.87 35.53 -20.64
N TYR E 169 -1.05 35.75 -19.60
CA TYR E 169 -0.14 36.89 -19.54
C TYR E 169 1.26 36.33 -19.60
N TYR E 170 1.93 36.56 -20.74
CA TYR E 170 3.31 36.11 -20.96
C TYR E 170 4.25 37.11 -20.31
N ILE E 171 5.01 36.65 -19.30
CA ILE E 171 5.96 37.48 -18.55
C ILE E 171 7.30 36.77 -18.43
N VAL F 63 4.70 -24.85 -5.85
CA VAL F 63 3.90 -24.75 -4.64
C VAL F 63 4.75 -25.21 -3.45
N THR F 64 4.75 -24.39 -2.39
CA THR F 64 5.54 -24.61 -1.19
C THR F 64 4.63 -25.06 -0.01
N THR F 65 4.39 -24.17 0.96
CA THR F 65 3.57 -24.37 2.15
C THR F 65 2.64 -23.18 2.33
N ALA F 66 1.64 -23.33 3.19
CA ALA F 66 0.71 -22.26 3.53
C ALA F 66 0.30 -22.43 4.97
N THR F 67 0.25 -21.34 5.72
N THR F 67 0.25 -21.33 5.72
CA THR F 67 -0.14 -21.35 7.13
CA THR F 67 -0.14 -21.36 7.13
C THR F 67 -1.50 -20.69 7.32
C THR F 67 -1.50 -20.69 7.30
N PHE F 68 -2.32 -21.22 8.24
CA PHE F 68 -3.64 -20.67 8.54
C PHE F 68 -3.91 -20.76 10.04
N SER F 69 -4.81 -19.89 10.52
CA SER F 69 -5.30 -19.87 11.89
C SER F 69 -6.63 -20.64 11.95
N ILE F 70 -6.86 -21.39 13.03
CA ILE F 70 -8.05 -22.19 13.33
C ILE F 70 -8.45 -21.88 14.76
N GLY F 71 -9.72 -21.60 15.00
CA GLY F 71 -10.23 -21.26 16.32
C GLY F 71 -9.64 -19.97 16.82
N SER F 72 -9.28 -19.89 18.12
CA SER F 72 -8.67 -18.69 18.70
C SER F 72 -7.16 -18.78 18.86
N THR F 73 -6.61 -20.01 18.98
CA THR F 73 -5.16 -20.24 19.21
C THR F 73 -4.57 -21.25 18.24
N GLY F 74 -5.43 -21.96 17.50
CA GLY F 74 -5.00 -23.00 16.57
C GLY F 74 -4.26 -22.51 15.36
N LEU F 75 -3.24 -23.28 14.94
CA LEU F 75 -2.43 -22.98 13.77
C LEU F 75 -2.22 -24.23 12.93
N VAL F 76 -2.21 -24.05 11.60
N VAL F 76 -2.25 -24.07 11.59
CA VAL F 76 -2.03 -25.14 10.64
CA VAL F 76 -2.06 -25.18 10.62
C VAL F 76 -0.96 -24.80 9.60
C VAL F 76 -1.03 -24.84 9.53
N VAL F 77 -0.19 -25.82 9.19
CA VAL F 77 0.80 -25.71 8.12
C VAL F 77 0.38 -26.75 7.07
N TYR F 78 0.09 -26.30 5.84
CA TYR F 78 -0.18 -27.19 4.71
C TYR F 78 1.11 -27.31 3.94
N ASP F 79 1.77 -28.48 3.96
CA ASP F 79 3.00 -28.69 3.19
C ASP F 79 2.61 -29.43 1.92
N TYR F 80 2.22 -28.69 0.87
CA TYR F 80 1.75 -29.27 -0.40
C TYR F 80 2.84 -30.10 -1.09
N GLN F 81 4.10 -29.60 -1.09
CA GLN F 81 5.27 -30.26 -1.66
C GLN F 81 5.53 -31.62 -0.98
N GLN F 82 5.66 -31.65 0.37
CA GLN F 82 5.87 -32.90 1.15
C GLN F 82 4.57 -33.71 1.29
N LEU F 83 3.42 -33.13 0.86
CA LEU F 83 2.09 -33.74 0.92
C LEU F 83 1.72 -34.18 2.35
N LEU F 84 1.74 -33.22 3.29
CA LEU F 84 1.35 -33.44 4.67
C LEU F 84 0.79 -32.15 5.29
N ILE F 85 0.01 -32.31 6.38
CA ILE F 85 -0.57 -31.22 7.14
C ILE F 85 -0.09 -31.30 8.60
N ALA F 86 0.23 -30.14 9.23
CA ALA F 86 0.60 -30.10 10.65
C ALA F 86 -0.37 -29.18 11.38
N TYR F 87 -1.06 -29.67 12.42
CA TYR F 87 -2.01 -28.87 13.19
C TYR F 87 -1.58 -28.75 14.65
N LYS F 88 -1.49 -27.51 15.16
CA LYS F 88 -1.12 -27.21 16.55
C LYS F 88 -2.32 -26.47 17.21
N PRO F 89 -3.07 -27.14 18.13
CA PRO F 89 -4.29 -26.51 18.71
C PRO F 89 -4.02 -25.23 19.52
N ALA F 90 -2.88 -25.16 20.20
CA ALA F 90 -2.55 -23.99 21.03
C ALA F 90 -1.05 -23.94 21.37
N PRO F 91 -0.50 -22.75 21.74
CA PRO F 91 0.91 -22.71 22.22
C PRO F 91 1.16 -23.69 23.38
N GLY F 92 2.30 -24.37 23.32
CA GLY F 92 2.77 -25.30 24.34
C GLY F 92 1.97 -26.58 24.52
N THR F 93 1.28 -27.05 23.46
CA THR F 93 0.49 -28.27 23.56
C THR F 93 1.21 -29.41 22.78
N CYS F 94 0.80 -29.66 21.52
CA CYS F 94 1.36 -30.70 20.66
C CYS F 94 1.08 -30.36 19.19
N CYS F 95 1.54 -31.23 18.29
CA CYS F 95 1.27 -31.14 16.85
C CYS F 95 0.70 -32.45 16.34
N TYR F 96 -0.33 -32.36 15.48
CA TYR F 96 -0.90 -33.53 14.81
C TYR F 96 -0.36 -33.55 13.39
N ILE F 97 0.27 -34.66 12.95
CA ILE F 97 0.82 -34.74 11.59
C ILE F 97 -0.06 -35.69 10.75
N LYS F 99 -0.95 -37.12 6.73
CA LYS F 99 -0.48 -37.28 5.36
C LYS F 99 -1.66 -36.99 4.44
N ILE F 100 -1.42 -36.23 3.37
CA ILE F 100 -2.51 -35.92 2.44
C ILE F 100 -2.23 -36.44 1.04
N ALA F 101 -3.31 -36.88 0.37
CA ALA F 101 -3.30 -37.40 -0.99
C ALA F 101 -3.60 -36.26 -1.97
N PRO F 102 -2.99 -36.22 -3.19
CA PRO F 102 -3.27 -35.10 -4.11
C PRO F 102 -4.74 -34.99 -4.53
N GLU F 103 -5.49 -36.10 -4.50
CA GLU F 103 -6.91 -36.15 -4.85
C GLU F 103 -7.82 -36.11 -3.60
N SER F 104 -7.23 -35.77 -2.43
CA SER F 104 -7.94 -35.69 -1.15
C SER F 104 -7.34 -34.58 -0.24
N ILE F 105 -6.94 -33.43 -0.83
CA ILE F 105 -6.38 -32.30 -0.08
C ILE F 105 -7.54 -31.51 0.58
N PRO F 106 -7.72 -31.56 1.93
CA PRO F 106 -8.90 -30.90 2.51
C PRO F 106 -8.80 -29.38 2.56
N SER F 107 -9.96 -28.73 2.33
CA SER F 107 -10.16 -27.31 2.45
C SER F 107 -9.91 -26.91 3.91
N LEU F 108 -9.77 -25.60 4.19
CA LEU F 108 -9.56 -25.16 5.57
C LEU F 108 -10.77 -25.49 6.46
N GLU F 109 -12.00 -25.34 5.89
CA GLU F 109 -13.28 -25.62 6.54
C GLU F 109 -13.41 -27.08 6.91
N ALA F 110 -12.95 -27.99 6.01
CA ALA F 110 -13.00 -29.45 6.18
C ALA F 110 -12.02 -29.91 7.24
N LEU F 111 -10.83 -29.29 7.27
CA LEU F 111 -9.80 -29.61 8.26
C LEU F 111 -10.26 -29.20 9.67
N THR F 112 -10.94 -28.06 9.77
CA THR F 112 -11.51 -27.52 11.01
C THR F 112 -12.52 -28.52 11.60
N ARG F 113 -13.43 -29.09 10.75
CA ARG F 113 -14.38 -30.08 11.23
C ARG F 113 -13.64 -31.37 11.61
N LYS F 114 -12.69 -31.84 10.76
CA LYS F 114 -11.88 -33.06 10.95
C LYS F 114 -11.14 -33.05 12.30
N VAL F 115 -10.64 -31.89 12.69
CA VAL F 115 -9.92 -31.66 13.95
C VAL F 115 -10.86 -31.93 15.15
N HIS F 116 -12.13 -31.47 15.04
CA HIS F 116 -13.14 -31.63 16.08
C HIS F 116 -13.64 -33.08 16.11
N ASN F 117 -13.91 -33.67 14.92
CA ASN F 117 -14.43 -35.06 14.79
C ASN F 117 -13.45 -36.08 15.31
N PHE F 118 -12.13 -35.88 15.09
CA PHE F 118 -11.09 -36.80 15.55
C PHE F 118 -10.63 -36.47 16.98
N GLN F 119 -11.12 -35.33 17.54
CA GLN F 119 -10.85 -34.83 18.91
C GLN F 119 -9.35 -34.62 19.09
N GLU F 121 -7.08 -32.70 20.50
CA GLU F 121 -7.00 -31.81 21.64
C GLU F 121 -5.77 -32.02 22.52
N CYS F 122 -4.78 -32.84 22.06
CA CYS F 122 -3.51 -33.18 22.75
C CYS F 122 -3.78 -33.78 24.13
N LEU F 155 10.63 -33.11 8.43
CA LEU F 155 9.25 -32.62 8.34
C LEU F 155 9.13 -31.37 7.46
N GLY F 156 10.20 -30.59 7.38
CA GLY F 156 10.22 -29.35 6.61
C GLY F 156 10.34 -28.15 7.53
N ALA F 158 8.85 -24.97 7.77
CA ALA F 158 7.64 -24.40 8.35
C ALA F 158 7.03 -25.32 9.42
N VAL F 159 6.98 -26.64 9.17
CA VAL F 159 6.43 -27.62 10.12
C VAL F 159 7.34 -27.71 11.37
N SER F 160 8.67 -27.70 11.18
CA SER F 160 9.65 -27.75 12.27
C SER F 160 9.56 -26.50 13.14
N THR F 161 9.29 -25.35 12.52
CA THR F 161 9.11 -24.09 13.22
C THR F 161 7.85 -24.18 14.12
N LEU F 162 6.72 -24.53 13.51
CA LEU F 162 5.46 -24.68 14.22
C LEU F 162 5.52 -25.69 15.36
N CYS F 163 6.11 -26.86 15.10
CA CYS F 163 6.07 -27.99 16.00
C CYS F 163 7.32 -28.23 16.88
N GLY F 164 8.36 -27.42 16.76
CA GLY F 164 9.53 -27.59 17.62
C GLY F 164 9.18 -27.49 19.10
N GLU F 165 9.77 -28.37 19.92
CA GLU F 165 9.66 -28.42 21.39
C GLU F 165 8.32 -28.95 21.94
N VAL F 166 7.47 -29.51 21.06
CA VAL F 166 6.18 -30.09 21.51
C VAL F 166 6.07 -31.53 20.98
N PRO F 167 5.38 -32.47 21.68
CA PRO F 167 5.27 -33.85 21.16
C PRO F 167 4.50 -33.95 19.84
N LEU F 168 4.90 -34.88 18.98
CA LEU F 168 4.28 -35.12 17.67
C LEU F 168 3.44 -36.38 17.67
N TYR F 169 2.22 -36.29 17.13
CA TYR F 169 1.31 -37.41 16.97
C TYR F 169 0.97 -37.52 15.51
N TYR F 170 1.10 -38.72 14.95
CA TYR F 170 0.79 -39.02 13.55
C TYR F 170 -0.56 -39.71 13.52
N ILE F 171 -1.46 -39.27 12.62
CA ILE F 171 -2.81 -39.80 12.42
C ILE F 171 -3.21 -39.74 10.94
#